data_4Z7K
#
_entry.id   4Z7K
#
_cell.length_a   92.122
_cell.length_b   92.122
_cell.length_c   96.790
_cell.angle_alpha   90.00
_cell.angle_beta   90.00
_cell.angle_gamma   120.00
#
_symmetry.space_group_name_H-M   'P 31'
#
loop_
_entity.id
_entity.type
_entity.pdbx_description
1 polymer Cas6b
2 polymer 'RNA/DNA Hybrid (31-MER)'
#
loop_
_entity_poly.entity_id
_entity_poly.type
_entity_poly.pdbx_seq_one_letter_code
_entity_poly.pdbx_strand_id
1 'polypeptide(L)'
;MDLEYMHISYPNILLNMRDGSKLRGYFAKKYIDEEIVHNHRDNAFVYKYPQIQFKIIDRSPLIIGIGSLGINFLESKRIF
FEKELIISNDTNDITEVNVHKDMDHFGTTDKILKYQFKTPWMALNAKNSEIYKNSDEIDREEFLKRVLIGNILSMSKSLG
YTIEEKLKVKINLKEVPVKFKNQNMVGFRGEFYINFDIPQYLGIGRNVSRGFGTVVKV
;
B,A
2 'polydeoxyribonucleotide/polyribonucleotide hybrid' GAAUAACUUGCAAAAUAACAAG(DC)AUUGAAAC C
#
loop_
_chem_comp.id
_chem_comp.type
_chem_comp.name
_chem_comp.formula
A RNA linking ADENOSINE-5'-MONOPHOSPHATE 'C10 H14 N5 O7 P'
C RNA linking CYTIDINE-5'-MONOPHOSPHATE 'C9 H14 N3 O8 P'
DC DNA linking 2'-DEOXYCYTIDINE-5'-MONOPHOSPHATE 'C9 H14 N3 O7 P'
G RNA linking GUANOSINE-5'-MONOPHOSPHATE 'C10 H14 N5 O8 P'
U RNA linking URIDINE-5'-MONOPHOSPHATE 'C9 H13 N2 O9 P'
#
# COMPACT_ATOMS: atom_id res chain seq x y z
N MET A 1 -10.53 37.47 3.27
CA MET A 1 -11.16 36.42 4.07
C MET A 1 -10.35 36.11 5.34
N ASP A 2 -11.05 35.69 6.39
CA ASP A 2 -10.46 35.31 7.65
C ASP A 2 -10.63 33.82 7.91
N LEU A 3 -9.55 33.14 8.27
CA LEU A 3 -9.62 31.72 8.53
C LEU A 3 -9.51 31.48 10.03
N GLU A 4 -10.43 30.69 10.58
CA GLU A 4 -10.40 30.37 11.99
C GLU A 4 -9.62 29.07 12.25
N TYR A 5 -8.57 29.15 13.07
CA TYR A 5 -7.73 27.99 13.34
C TYR A 5 -7.26 27.91 14.82
N MET A 6 -6.72 26.75 15.21
CA MET A 6 -6.22 26.55 16.58
C MET A 6 -5.04 25.56 16.68
N HIS A 7 -3.92 26.01 17.23
CA HIS A 7 -2.85 25.05 17.58
C HIS A 7 -3.03 24.60 19.01
N ILE A 8 -2.79 23.31 19.24
CA ILE A 8 -2.63 22.80 20.59
C ILE A 8 -1.29 22.08 20.62
N SER A 9 -0.39 22.48 21.51
CA SER A 9 0.95 21.92 21.50
C SER A 9 1.40 21.40 22.86
N TYR A 10 2.17 20.32 22.85
CA TYR A 10 2.67 19.70 24.07
C TYR A 10 4.19 19.69 24.20
N PRO A 11 4.78 20.75 24.76
CA PRO A 11 6.23 20.90 24.72
C PRO A 11 7.10 19.89 25.51
N ASN A 12 6.58 19.23 26.54
CA ASN A 12 7.47 18.47 27.42
C ASN A 12 7.84 17.08 26.92
N ILE A 13 7.06 16.48 26.02
CA ILE A 13 7.53 15.22 25.47
C ILE A 13 8.26 15.39 24.17
N LEU A 14 9.52 14.97 24.18
CA LEU A 14 10.35 14.90 22.98
C LEU A 14 10.25 13.46 22.54
N LEU A 15 10.25 13.23 21.23
CA LEU A 15 10.07 11.88 20.72
C LEU A 15 11.30 11.44 19.92
N ASN A 16 11.51 10.14 19.87
CA ASN A 16 12.55 9.58 19.02
C ASN A 16 12.01 9.74 17.61
N MET A 17 12.89 9.68 16.62
CA MET A 17 12.42 9.79 15.25
C MET A 17 11.79 8.51 14.79
N ARG A 18 11.70 7.55 15.70
CA ARG A 18 11.13 6.25 15.38
C ARG A 18 9.79 5.98 16.07
N ASP A 19 9.58 6.27 17.35
CA ASP A 19 8.20 6.14 17.83
C ASP A 19 7.43 7.36 17.33
N GLY A 20 8.16 8.26 16.68
CA GLY A 20 7.60 9.34 15.90
C GLY A 20 6.83 8.75 14.72
N SER A 21 7.35 7.65 14.20
CA SER A 21 6.72 6.95 13.09
C SER A 21 5.38 6.27 13.40
N LYS A 22 5.29 5.53 14.51
CA LYS A 22 4.07 4.79 14.89
C LYS A 22 2.88 5.57 15.46
N LEU A 23 3.15 6.64 16.21
CA LEU A 23 2.08 7.46 16.77
C LEU A 23 1.14 7.98 15.68
N ARG A 24 1.72 8.36 14.55
CA ARG A 24 0.95 8.87 13.43
C ARG A 24 -0.11 7.98 12.80
N GLY A 25 0.19 6.69 12.63
CA GLY A 25 -0.74 5.81 11.96
C GLY A 25 -2.06 5.87 12.71
N TYR A 26 -2.00 5.56 13.99
CA TYR A 26 -3.19 5.41 14.81
C TYR A 26 -3.89 6.73 15.17
N PHE A 27 -3.14 7.82 15.24
CA PHE A 27 -3.78 9.10 15.45
C PHE A 27 -4.43 9.66 14.20
N ALA A 28 -3.69 9.61 13.09
CA ALA A 28 -4.18 10.09 11.80
C ALA A 28 -5.30 9.18 11.30
N LYS A 29 -5.37 7.99 11.88
CA LYS A 29 -6.33 6.98 11.45
C LYS A 29 -7.62 7.21 12.22
N LYS A 30 -7.51 7.77 13.43
CA LYS A 30 -8.68 8.35 14.11
C LYS A 30 -9.16 9.59 13.30
N TYR A 31 -8.21 10.30 12.65
CA TYR A 31 -8.50 11.43 11.77
C TYR A 31 -9.28 11.04 10.52
N ILE A 32 -8.78 10.02 9.82
CA ILE A 32 -9.46 9.53 8.61
C ILE A 32 -10.94 9.16 8.90
N ASP A 33 -11.16 8.49 10.04
CA ASP A 33 -12.51 8.15 10.52
C ASP A 33 -13.35 7.43 9.46
N TYR A 47 -13.30 14.66 -1.29
CA TYR A 47 -12.45 15.46 -2.18
C TYR A 47 -12.08 16.79 -1.52
N LYS A 48 -11.42 16.73 -0.36
CA LYS A 48 -11.24 17.92 0.46
C LYS A 48 -9.92 17.97 1.22
N TYR A 49 -9.55 19.19 1.60
CA TYR A 49 -8.34 19.48 2.39
C TYR A 49 -8.58 19.25 3.87
N PRO A 50 -7.70 18.46 4.51
CA PRO A 50 -7.83 18.09 5.93
C PRO A 50 -7.94 19.28 6.87
N GLN A 51 -9.03 19.36 7.63
CA GLN A 51 -9.20 20.49 8.53
C GLN A 51 -8.74 20.11 9.92
N ILE A 52 -8.23 18.89 10.06
CA ILE A 52 -7.51 18.51 11.26
C ILE A 52 -6.17 17.90 10.83
N GLN A 53 -5.08 18.48 11.28
CA GLN A 53 -3.77 17.98 10.88
C GLN A 53 -2.86 17.70 12.07
N PHE A 54 -2.14 16.59 12.01
CA PHE A 54 -1.24 16.27 13.09
C PHE A 54 0.16 16.50 12.57
N LYS A 55 0.96 17.36 13.20
CA LYS A 55 2.27 17.69 12.63
C LYS A 55 3.35 17.46 13.66
N ILE A 56 4.56 17.14 13.16
CA ILE A 56 5.78 16.94 13.96
C ILE A 56 6.94 17.96 13.58
N ILE A 57 7.17 18.94 14.49
CA ILE A 57 7.98 20.20 14.41
C ILE A 57 8.77 20.54 15.74
N ASP A 58 10.11 20.59 15.70
CA ASP A 58 10.89 21.21 16.82
C ASP A 58 10.76 20.49 18.17
N ARG A 59 10.84 19.17 18.20
CA ARG A 59 9.59 18.50 18.31
C ARG A 59 9.11 17.78 19.54
N SER A 60 7.95 18.33 19.89
CA SER A 60 7.00 17.87 20.84
C SER A 60 5.72 18.08 20.02
N PRO A 61 4.71 17.22 20.17
CA PRO A 61 3.54 17.20 19.29
C PRO A 61 2.75 18.51 19.10
N LEU A 62 2.25 18.69 17.88
CA LEU A 62 1.39 19.82 17.54
C LEU A 62 0.22 19.40 16.64
N ILE A 63 -0.96 19.96 16.94
CA ILE A 63 -2.21 19.59 16.25
C ILE A 63 -3.00 20.81 15.79
N ILE A 64 -3.33 20.89 14.50
CA ILE A 64 -4.00 22.07 13.97
C ILE A 64 -5.48 21.79 13.63
N GLY A 65 -6.37 22.68 14.04
CA GLY A 65 -7.76 22.57 13.64
C GLY A 65 -8.20 23.83 12.93
N ILE A 66 -8.99 23.67 11.86
CA ILE A 66 -9.41 24.80 11.03
C ILE A 66 -10.93 24.84 10.85
N GLY A 67 -11.52 26.04 10.92
CA GLY A 67 -12.97 26.19 10.77
C GLY A 67 -13.71 25.62 11.96
N SER A 68 -15.03 25.77 11.99
CA SER A 68 -15.83 25.22 13.09
C SER A 68 -15.56 23.73 13.33
N LEU A 69 -15.46 22.96 12.25
CA LEU A 69 -15.25 21.52 12.34
C LEU A 69 -13.99 21.17 13.10
N GLY A 70 -12.91 21.88 12.78
CA GLY A 70 -11.60 21.60 13.32
C GLY A 70 -11.43 22.00 14.77
N ILE A 71 -11.80 23.23 15.12
CA ILE A 71 -11.71 23.70 16.51
C ILE A 71 -12.50 22.77 17.45
N ASN A 72 -13.73 22.44 17.07
CA ASN A 72 -14.60 21.56 17.86
C ASN A 72 -14.04 20.16 18.06
N PHE A 73 -13.44 19.59 17.04
CA PHE A 73 -12.82 18.28 17.20
C PHE A 73 -11.75 18.43 18.25
N LEU A 74 -11.00 19.52 18.12
CA LEU A 74 -9.87 19.77 18.98
C LEU A 74 -10.22 19.83 20.48
N GLU A 75 -11.24 20.61 20.83
CA GLU A 75 -11.63 20.76 22.23
C GLU A 75 -12.43 19.60 22.78
N SER A 76 -13.41 19.14 22.03
CA SER A 76 -14.28 18.10 22.52
C SER A 76 -13.48 16.84 22.79
N LYS A 77 -12.74 16.38 21.80
CA LYS A 77 -12.11 15.09 21.89
C LYS A 77 -10.62 15.08 22.20
N ARG A 78 -10.13 16.11 22.90
CA ARG A 78 -8.74 16.14 23.33
C ARG A 78 -8.57 15.23 24.52
N ILE A 79 -9.66 14.97 25.22
CA ILE A 79 -9.63 14.13 26.39
C ILE A 79 -9.24 12.72 25.98
N PHE A 80 -9.69 12.32 24.80
CA PHE A 80 -9.59 10.92 24.35
C PHE A 80 -8.26 10.47 23.73
N PHE A 81 -7.48 11.34 23.06
CA PHE A 81 -6.14 10.91 22.60
C PHE A 81 -4.99 11.20 23.56
N GLU A 82 -4.67 10.22 24.40
CA GLU A 82 -3.54 10.37 25.32
C GLU A 82 -2.67 9.14 25.13
N LYS A 83 -1.42 9.40 24.75
CA LYS A 83 -0.48 8.34 24.37
C LYS A 83 0.78 8.13 25.19
N GLU A 84 1.15 6.86 25.35
CA GLU A 84 2.42 6.46 25.96
C GLU A 84 2.54 6.81 27.44
N THR A 95 1.11 17.38 31.17
CA THR A 95 1.28 18.29 32.29
C THR A 95 1.43 19.74 31.85
N GLU A 96 1.94 19.92 30.64
CA GLU A 96 2.12 21.24 30.04
C GLU A 96 1.44 21.35 28.68
N VAL A 97 0.68 22.42 28.47
CA VAL A 97 -0.06 22.63 27.23
C VAL A 97 -0.05 24.09 26.80
N ASN A 98 0.29 24.33 25.53
CA ASN A 98 0.15 25.66 24.93
C ASN A 98 -0.84 25.60 23.76
N VAL A 99 -1.92 26.35 23.89
CA VAL A 99 -2.82 26.48 22.78
C VAL A 99 -2.68 27.91 22.28
N HIS A 100 -2.70 28.04 20.96
CA HIS A 100 -2.69 29.33 20.30
C HIS A 100 -3.92 29.20 19.41
N LYS A 101 -4.71 30.25 19.27
CA LYS A 101 -5.92 30.16 18.44
C LYS A 101 -6.44 31.51 17.99
N ASP A 102 -6.90 31.61 16.74
CA ASP A 102 -7.15 32.92 16.13
C ASP A 102 -7.82 32.87 14.75
N MET A 103 -8.06 34.06 14.19
CA MET A 103 -8.47 34.25 12.79
C MET A 103 -7.35 35.02 12.06
N ASP A 104 -6.73 34.41 11.06
CA ASP A 104 -5.70 35.12 10.31
C ASP A 104 -5.99 35.03 8.84
N HIS A 105 -5.43 35.96 8.07
CA HIS A 105 -5.82 36.13 6.67
C HIS A 105 -5.41 34.90 5.88
N PHE A 106 -6.26 34.54 4.93
CA PHE A 106 -5.98 33.52 3.95
C PHE A 106 -6.46 34.09 2.63
N GLY A 107 -5.55 34.22 1.68
CA GLY A 107 -5.88 34.89 0.44
C GLY A 107 -4.68 35.56 -0.20
N THR A 108 -4.89 36.05 -1.43
CA THR A 108 -3.82 36.70 -2.21
C THR A 108 -3.43 38.05 -1.60
N THR A 109 -2.14 38.36 -1.67
CA THR A 109 -1.60 39.58 -1.06
C THR A 109 -1.02 40.49 -2.14
N ASP A 110 -1.00 41.81 -1.90
CA ASP A 110 -0.44 42.73 -2.89
C ASP A 110 1.09 42.83 -2.72
N LYS A 111 1.60 42.31 -1.62
CA LYS A 111 3.04 42.25 -1.42
C LYS A 111 3.43 40.80 -1.21
N ILE A 112 4.71 40.50 -1.37
CA ILE A 112 5.19 39.13 -1.43
C ILE A 112 5.78 38.64 -0.11
N LEU A 113 5.46 37.39 0.23
CA LEU A 113 5.77 36.83 1.53
C LEU A 113 6.70 35.64 1.40
N LYS A 114 7.50 35.39 2.42
CA LYS A 114 8.48 34.31 2.39
C LYS A 114 8.14 33.19 3.38
N TYR A 115 8.15 31.95 2.90
CA TYR A 115 7.80 30.81 3.74
C TYR A 115 8.92 29.76 3.87
N GLN A 116 8.86 28.93 4.90
CA GLN A 116 9.81 27.82 5.04
C GLN A 116 9.10 26.56 5.47
N PHE A 117 9.58 25.43 4.97
CA PHE A 117 9.04 24.13 5.31
C PHE A 117 9.59 23.66 6.65
N LYS A 118 8.70 23.59 7.62
CA LYS A 118 9.05 23.06 8.95
C LYS A 118 9.24 21.56 8.84
N THR A 119 8.45 20.92 7.97
CA THR A 119 8.52 19.47 7.76
C THR A 119 8.67 19.25 6.25
N PRO A 120 9.18 18.09 5.84
CA PRO A 120 9.39 17.92 4.40
C PRO A 120 8.12 18.04 3.56
N TRP A 121 8.31 18.49 2.32
CA TRP A 121 7.23 18.71 1.36
C TRP A 121 7.21 17.59 0.35
N MET A 122 6.11 16.84 0.28
CA MET A 122 5.99 15.80 -0.74
C MET A 122 5.19 16.30 -1.92
N ALA A 123 5.88 16.87 -2.90
CA ALA A 123 5.22 17.42 -4.08
C ALA A 123 4.99 16.38 -5.17
N LEU A 124 5.50 15.17 -4.97
CA LEU A 124 5.44 14.15 -6.01
C LEU A 124 4.49 13.01 -5.65
N ASN A 125 3.38 12.94 -6.38
CA ASN A 125 2.51 11.76 -6.35
C ASN A 125 3.22 10.67 -7.13
N ALA A 126 2.55 9.56 -7.44
CA ALA A 126 3.23 8.45 -8.09
C ALA A 126 3.59 8.74 -9.55
N LYS A 127 2.67 9.32 -10.32
CA LYS A 127 2.98 9.72 -11.69
C LYS A 127 3.86 10.97 -11.78
N ASN A 128 3.62 11.97 -10.96
CA ASN A 128 4.53 13.11 -10.97
C ASN A 128 5.88 12.75 -10.37
N SER A 129 5.90 11.74 -9.50
CA SER A 129 7.15 11.14 -9.07
C SER A 129 7.92 10.80 -10.34
N GLU A 130 7.20 10.32 -11.35
CA GLU A 130 7.82 9.82 -12.57
C GLU A 130 8.47 10.90 -13.41
N ILE A 131 7.71 11.94 -13.75
CA ILE A 131 8.22 13.10 -14.51
C ILE A 131 9.46 13.80 -13.88
N TYR A 132 9.41 14.04 -12.57
CA TYR A 132 10.48 14.77 -11.88
C TYR A 132 11.86 14.12 -12.00
N LYS A 133 11.91 12.79 -12.08
CA LYS A 133 13.19 12.06 -12.21
C LYS A 133 13.53 11.86 -13.70
N ASN A 134 12.67 12.37 -14.57
CA ASN A 134 12.89 12.32 -16.01
C ASN A 134 13.40 13.63 -16.54
N SER A 135 13.60 14.59 -15.63
CA SER A 135 14.03 15.93 -16.01
C SER A 135 15.46 16.30 -15.63
N ASP A 136 16.04 17.18 -16.45
CA ASP A 136 17.31 17.83 -16.12
C ASP A 136 16.95 18.91 -15.11
N GLU A 137 17.93 19.55 -14.46
CA GLU A 137 17.52 20.28 -13.27
C GLU A 137 17.00 21.70 -13.46
N ILE A 138 17.19 22.34 -14.60
CA ILE A 138 16.37 23.55 -14.83
C ILE A 138 14.88 23.18 -14.93
N ASP A 139 14.56 22.06 -15.59
CA ASP A 139 13.15 21.64 -15.81
C ASP A 139 12.45 21.15 -14.58
N ARG A 140 13.16 20.42 -13.73
CA ARG A 140 12.62 20.05 -12.45
C ARG A 140 12.06 21.26 -11.74
N GLU A 141 12.87 22.34 -11.68
CA GLU A 141 12.53 23.49 -10.85
C GLU A 141 11.27 24.27 -11.25
N GLU A 142 10.90 24.31 -12.52
CA GLU A 142 9.73 25.10 -12.81
C GLU A 142 8.58 24.14 -12.80
N PHE A 143 8.90 22.85 -12.91
CA PHE A 143 7.91 21.78 -12.70
C PHE A 143 7.40 21.84 -11.26
N LEU A 144 8.32 21.97 -10.30
CA LEU A 144 7.90 22.08 -8.91
C LEU A 144 7.02 23.32 -8.68
N LYS A 145 7.31 24.47 -9.31
CA LYS A 145 6.44 25.62 -9.08
C LYS A 145 5.04 25.42 -9.63
N ARG A 146 4.86 24.51 -10.58
CA ARG A 146 3.53 24.23 -11.09
C ARG A 146 2.75 23.44 -10.02
N VAL A 147 3.44 22.50 -9.37
CA VAL A 147 2.84 21.73 -8.29
C VAL A 147 2.45 22.64 -7.13
N LEU A 148 3.34 23.58 -6.79
CA LEU A 148 3.09 24.51 -5.69
C LEU A 148 1.90 25.44 -5.96
N ILE A 149 1.78 25.95 -7.18
CA ILE A 149 0.60 26.74 -7.55
C ILE A 149 -0.62 25.88 -7.39
N GLY A 150 -0.52 24.66 -7.90
CA GLY A 150 -1.63 23.72 -7.83
C GLY A 150 -2.02 23.39 -6.41
N ASN A 151 -1.03 23.10 -5.59
CA ASN A 151 -1.30 22.79 -4.20
C ASN A 151 -2.05 23.94 -3.53
N ILE A 152 -1.59 25.16 -3.75
CA ILE A 152 -2.29 26.32 -3.24
C ILE A 152 -3.68 26.46 -3.85
N LEU A 153 -3.84 26.10 -5.10
CA LEU A 153 -5.17 26.21 -5.70
C LEU A 153 -6.14 25.22 -5.03
N SER A 154 -5.69 23.98 -4.84
CA SER A 154 -6.49 22.94 -4.19
C SER A 154 -6.98 23.45 -2.87
N MET A 155 -6.02 23.69 -2.00
CA MET A 155 -6.28 24.15 -0.66
C MET A 155 -7.23 25.31 -0.63
N SER A 156 -7.06 26.32 -1.48
CA SER A 156 -7.92 27.50 -1.33
C SER A 156 -9.40 27.30 -1.69
N LYS A 157 -9.68 26.35 -2.58
CA LYS A 157 -11.05 26.12 -3.01
C LYS A 157 -11.76 25.27 -1.97
N SER A 158 -11.12 24.17 -1.58
CA SER A 158 -11.64 23.28 -0.56
C SER A 158 -11.88 24.01 0.76
N LEU A 159 -11.35 25.23 0.90
CA LEU A 159 -11.63 26.09 2.05
C LEU A 159 -12.51 27.27 1.65
N GLY A 160 -13.16 27.16 0.49
CA GLY A 160 -14.09 28.18 0.01
C GLY A 160 -13.56 29.58 -0.24
N TYR A 161 -12.39 29.68 -0.88
CA TYR A 161 -11.85 30.95 -1.37
C TYR A 161 -11.47 30.76 -2.82
N THR A 162 -12.04 31.56 -3.72
CA THR A 162 -11.71 31.43 -5.13
C THR A 162 -10.64 32.45 -5.47
N ILE A 163 -9.67 32.00 -6.26
CA ILE A 163 -8.53 32.83 -6.64
C ILE A 163 -8.82 33.57 -7.92
N GLU A 164 -8.81 34.89 -7.81
CA GLU A 164 -8.99 35.75 -8.96
C GLU A 164 -7.81 36.71 -9.19
N GLU A 165 -6.58 36.24 -8.91
CA GLU A 165 -5.36 36.88 -9.42
C GLU A 165 -4.31 35.81 -9.74
N LYS A 166 -3.26 36.23 -10.44
CA LYS A 166 -2.24 35.32 -10.96
C LYS A 166 -1.22 35.08 -9.85
N LEU A 167 -1.12 33.87 -9.34
CA LEU A 167 -0.07 33.61 -8.37
C LEU A 167 1.17 33.25 -9.12
N LYS A 168 2.33 33.74 -8.68
CA LYS A 168 3.58 33.25 -9.23
C LYS A 168 4.55 33.03 -8.10
N VAL A 169 5.46 32.09 -8.27
CA VAL A 169 6.22 31.65 -7.12
C VAL A 169 7.71 31.48 -7.44
N LYS A 170 8.55 31.76 -6.45
CA LYS A 170 10.00 31.53 -6.51
C LYS A 170 10.40 30.49 -5.46
N ILE A 171 11.25 29.53 -5.82
CA ILE A 171 11.56 28.45 -4.88
C ILE A 171 13.05 28.14 -4.71
N ASN A 172 13.48 28.00 -3.46
CA ASN A 172 14.79 27.45 -3.16
C ASN A 172 14.58 26.27 -2.24
N LEU A 173 14.58 25.08 -2.84
CA LEU A 173 14.23 23.86 -2.14
C LEU A 173 15.34 22.85 -2.32
N LYS A 174 15.54 22.03 -1.31
CA LYS A 174 16.57 21.00 -1.36
C LYS A 174 15.90 19.63 -1.28
N GLU A 175 16.28 18.71 -2.16
CA GLU A 175 15.64 17.39 -2.15
C GLU A 175 16.14 16.56 -0.95
N VAL A 176 15.22 15.91 -0.24
CA VAL A 176 15.56 15.17 0.97
C VAL A 176 14.82 13.81 0.99
N PRO A 177 15.53 12.73 1.36
CA PRO A 177 14.90 11.40 1.33
C PRO A 177 13.88 11.24 2.47
N VAL A 178 12.70 10.71 2.16
CA VAL A 178 11.66 10.57 3.18
C VAL A 178 11.14 9.14 3.28
N LYS A 179 11.17 8.58 4.50
CA LYS A 179 10.66 7.24 4.72
C LYS A 179 9.24 7.41 5.25
N PHE A 180 8.27 6.83 4.54
CA PHE A 180 6.86 6.99 4.85
C PHE A 180 6.15 5.74 4.35
N LYS A 181 5.30 5.18 5.21
CA LYS A 181 4.64 3.90 4.99
C LYS A 181 5.64 2.82 4.62
N ASN A 182 6.69 2.75 5.44
CA ASN A 182 7.71 1.70 5.38
C ASN A 182 8.36 1.47 3.98
N GLN A 183 8.43 2.52 3.16
CA GLN A 183 9.07 2.46 1.84
C GLN A 183 9.58 3.86 1.51
N ASN A 184 10.59 3.97 0.65
CA ASN A 184 11.23 5.27 0.46
C ASN A 184 10.58 6.15 -0.59
N MET A 185 10.28 7.38 -0.20
CA MET A 185 9.78 8.39 -1.13
C MET A 185 10.73 9.60 -1.12
N VAL A 186 10.59 10.50 -2.08
CA VAL A 186 11.42 11.71 -2.06
C VAL A 186 10.58 12.94 -1.72
N GLY A 187 11.18 13.82 -0.93
CA GLY A 187 10.51 15.01 -0.45
C GLY A 187 11.44 16.21 -0.51
N PHE A 188 10.92 17.38 -0.15
CA PHE A 188 11.72 18.59 -0.29
C PHE A 188 11.73 19.45 0.94
N ARG A 189 12.91 19.98 1.25
CA ARG A 189 13.08 21.00 2.27
C ARG A 189 13.50 22.28 1.59
N GLY A 190 13.36 23.42 2.25
CA GLY A 190 13.80 24.66 1.65
C GLY A 190 12.91 25.82 2.04
N GLU A 191 12.89 26.84 1.17
CA GLU A 191 12.13 28.07 1.38
C GLU A 191 11.50 28.51 0.07
N PHE A 192 10.39 29.23 0.12
CA PHE A 192 9.77 29.76 -1.08
C PHE A 192 9.01 31.07 -0.86
N TYR A 193 8.76 31.78 -1.95
CA TYR A 193 8.11 33.08 -1.94
C TYR A 193 6.79 33.07 -2.72
N ILE A 194 5.76 33.75 -2.23
CA ILE A 194 4.53 33.84 -3.00
C ILE A 194 3.72 35.03 -2.52
N ASN A 195 2.89 35.58 -3.40
CA ASN A 195 2.02 36.69 -3.04
C ASN A 195 0.72 36.18 -2.50
N PHE A 196 0.80 35.07 -1.77
CA PHE A 196 -0.35 34.51 -1.09
C PHE A 196 -0.09 34.42 0.41
N ASP A 197 -1.17 34.46 1.18
CA ASP A 197 -1.08 34.48 2.63
C ASP A 197 -1.47 33.13 3.22
N ILE A 198 -0.55 32.50 3.95
CA ILE A 198 -0.86 31.23 4.58
C ILE A 198 -0.81 31.34 6.10
N PRO A 199 -1.95 31.05 6.78
CA PRO A 199 -1.87 31.00 8.25
C PRO A 199 -0.88 29.95 8.75
N GLN A 200 -0.27 30.27 9.88
CA GLN A 200 0.89 29.56 10.40
C GLN A 200 0.65 28.08 10.51
N TYR A 201 1.70 27.31 10.24
CA TYR A 201 1.70 25.88 10.49
C TYR A 201 0.70 25.08 9.65
N LEU A 202 0.01 25.72 8.72
CA LEU A 202 -0.80 24.95 7.77
C LEU A 202 0.09 24.09 6.89
N GLY A 203 -0.40 22.93 6.47
CA GLY A 203 0.35 22.08 5.56
C GLY A 203 -0.14 22.25 4.14
N ILE A 204 0.75 22.02 3.17
CA ILE A 204 0.34 21.87 1.77
C ILE A 204 1.03 20.69 1.13
N GLY A 205 0.47 20.25 -0.01
CA GLY A 205 1.00 19.10 -0.69
C GLY A 205 0.22 17.84 -0.36
N ARG A 206 0.90 16.71 -0.45
CA ARG A 206 0.29 15.43 -0.15
C ARG A 206 0.38 15.08 1.32
N ASN A 207 -0.55 14.26 1.79
CA ASN A 207 -0.48 13.67 3.12
C ASN A 207 -0.39 14.70 4.22
N VAL A 208 -1.07 15.82 4.01
CA VAL A 208 -1.03 16.97 4.91
C VAL A 208 -1.56 16.68 6.31
N SER A 209 -2.63 15.89 6.42
CA SER A 209 -3.22 15.55 7.73
C SER A 209 -2.19 14.92 8.68
N ARG A 210 -1.27 14.16 8.11
CA ARG A 210 -0.27 13.38 8.83
C ARG A 210 0.99 14.20 9.11
N GLY A 211 0.97 15.48 8.74
CA GLY A 211 2.04 16.40 9.09
C GLY A 211 3.01 16.89 8.04
N PHE A 212 2.88 16.41 6.81
CA PHE A 212 3.77 16.83 5.74
C PHE A 212 3.43 18.16 5.12
N GLY A 213 4.48 18.84 4.63
CA GLY A 213 4.35 20.11 3.94
C GLY A 213 3.98 21.25 4.87
N THR A 214 4.46 21.20 6.11
CA THR A 214 4.08 22.24 7.07
C THR A 214 4.81 23.52 6.74
N VAL A 215 4.07 24.61 6.54
CA VAL A 215 4.72 25.87 6.22
C VAL A 215 4.60 26.85 7.36
N VAL A 216 5.67 27.63 7.53
CA VAL A 216 5.74 28.66 8.57
C VAL A 216 6.29 29.89 7.92
N LYS A 217 5.75 31.05 8.29
CA LYS A 217 6.18 32.29 7.67
C LYS A 217 7.53 32.67 8.24
N VAL A 218 8.33 33.41 7.46
CA VAL A 218 9.61 33.93 7.94
C VAL A 218 9.78 35.37 7.47
N MET B 1 15.10 -27.02 -13.65
CA MET B 1 14.88 -27.48 -12.28
C MET B 1 13.73 -28.49 -12.23
N ASP B 2 13.77 -29.41 -11.27
CA ASP B 2 12.61 -30.27 -11.00
C ASP B 2 12.04 -29.95 -9.62
N LEU B 3 10.75 -29.62 -9.60
CA LEU B 3 10.07 -29.24 -8.36
C LEU B 3 9.11 -30.33 -7.91
N GLU B 4 9.22 -30.69 -6.64
CA GLU B 4 8.43 -31.74 -6.02
C GLU B 4 7.17 -31.11 -5.41
N TYR B 5 6.00 -31.65 -5.73
CA TYR B 5 4.76 -31.03 -5.27
C TYR B 5 3.73 -32.03 -4.78
N MET B 6 2.75 -31.51 -4.04
CA MET B 6 1.60 -32.32 -3.62
C MET B 6 0.35 -31.43 -3.44
N HIS B 7 -0.71 -31.73 -4.21
CA HIS B 7 -2.04 -31.11 -4.06
C HIS B 7 -2.90 -31.95 -3.13
N ILE B 8 -3.67 -31.27 -2.29
CA ILE B 8 -4.68 -31.94 -1.46
C ILE B 8 -6.06 -31.32 -1.65
N SER B 9 -7.04 -32.12 -2.04
CA SER B 9 -8.34 -31.55 -2.34
C SER B 9 -9.45 -32.28 -1.60
N TYR B 10 -10.46 -31.54 -1.13
CA TYR B 10 -11.59 -32.15 -0.42
C TYR B 10 -12.84 -31.90 -1.26
N PRO B 11 -13.16 -32.80 -2.20
CA PRO B 11 -14.20 -32.51 -3.20
C PRO B 11 -15.61 -32.38 -2.66
N ASN B 12 -15.95 -33.00 -1.55
CA ASN B 12 -17.34 -33.02 -1.09
C ASN B 12 -17.73 -31.75 -0.35
N ILE B 13 -16.74 -30.99 0.07
CA ILE B 13 -16.97 -29.71 0.71
C ILE B 13 -17.01 -28.57 -0.30
N LEU B 14 -18.13 -27.89 -0.49
CA LEU B 14 -18.01 -26.67 -1.31
C LEU B 14 -18.27 -25.34 -0.59
N LEU B 15 -17.40 -24.36 -0.86
CA LEU B 15 -17.40 -23.03 -0.23
C LEU B 15 -17.44 -21.95 -1.29
N ASN B 16 -17.87 -20.75 -0.93
CA ASN B 16 -17.80 -19.57 -1.81
C ASN B 16 -16.37 -19.00 -1.89
N MET B 17 -15.96 -18.32 -2.96
CA MET B 17 -14.66 -17.61 -2.88
C MET B 17 -14.86 -16.13 -2.47
N ARG B 18 -13.98 -15.57 -1.66
CA ARG B 18 -12.82 -16.30 -1.19
C ARG B 18 -12.91 -16.65 0.27
N ASP B 19 -13.48 -17.82 0.52
CA ASP B 19 -13.44 -18.38 1.84
C ASP B 19 -12.04 -19.01 1.93
N GLY B 20 -11.21 -18.70 0.92
CA GLY B 20 -9.81 -19.07 0.89
C GLY B 20 -9.09 -18.47 2.06
N SER B 21 -9.55 -17.28 2.47
CA SER B 21 -8.99 -16.60 3.64
C SER B 21 -9.34 -17.40 4.88
N LYS B 22 -10.57 -17.89 4.91
CA LYS B 22 -11.11 -18.70 6.01
C LYS B 22 -10.61 -20.15 5.99
N LEU B 23 -10.44 -20.70 4.79
CA LEU B 23 -9.81 -22.01 4.63
C LEU B 23 -8.41 -21.98 5.22
N ARG B 24 -7.66 -20.94 4.89
CA ARG B 24 -6.35 -20.72 5.48
C ARG B 24 -6.52 -20.43 6.95
N GLY B 25 -7.55 -19.65 7.27
CA GLY B 25 -7.84 -19.23 8.62
C GLY B 25 -7.86 -20.42 9.56
N TYR B 26 -8.55 -21.49 9.15
CA TYR B 26 -8.78 -22.63 10.03
C TYR B 26 -7.54 -23.47 10.32
N PHE B 27 -6.62 -23.56 9.35
CA PHE B 27 -5.34 -24.23 9.55
C PHE B 27 -4.36 -23.36 10.34
N ALA B 28 -4.58 -22.05 10.31
CA ALA B 28 -3.73 -21.15 11.09
C ALA B 28 -3.87 -21.36 12.60
N LYS B 29 -5.02 -21.84 13.08
CA LYS B 29 -5.21 -22.05 14.53
C LYS B 29 -4.91 -23.47 15.00
N LYS B 30 -5.35 -24.47 14.24
CA LYS B 30 -5.00 -25.83 14.63
C LYS B 30 -3.52 -26.10 14.38
N TYR B 31 -2.88 -25.22 13.63
CA TYR B 31 -1.44 -25.38 13.43
C TYR B 31 -0.68 -24.07 13.56
N ILE B 32 -0.87 -23.37 14.67
CA ILE B 32 -0.01 -22.23 14.98
C ILE B 32 1.40 -22.78 15.09
N ASP B 33 1.50 -24.01 15.56
CA ASP B 33 2.76 -24.58 15.99
C ASP B 33 3.86 -24.68 14.92
N GLU B 34 3.57 -25.19 13.73
CA GLU B 34 4.59 -25.20 12.68
C GLU B 34 4.15 -24.16 11.66
N GLU B 35 5.02 -23.23 11.30
CA GLU B 35 4.49 -22.05 10.62
C GLU B 35 4.97 -21.80 9.21
N ILE B 36 4.94 -22.88 8.42
CA ILE B 36 4.75 -22.72 7.00
C ILE B 36 3.32 -22.23 6.81
N VAL B 37 2.34 -22.82 7.49
CA VAL B 37 0.94 -22.51 7.16
C VAL B 37 0.53 -21.07 7.44
N HIS B 38 0.82 -20.63 8.67
CA HIS B 38 0.48 -19.31 9.23
C HIS B 38 1.26 -18.20 8.58
N ASN B 39 2.51 -18.54 8.24
CA ASN B 39 3.55 -17.61 7.82
C ASN B 39 3.99 -16.46 8.77
N HIS B 40 4.07 -16.72 10.09
CA HIS B 40 4.58 -15.73 11.07
C HIS B 40 5.74 -16.24 11.96
N ARG B 41 6.73 -15.38 12.19
CA ARG B 41 7.92 -15.62 13.05
C ARG B 41 8.28 -14.39 13.89
N ASP B 42 8.40 -14.55 15.20
CA ASP B 42 8.89 -13.48 16.10
C ASP B 42 7.77 -12.43 16.18
N ASN B 43 6.54 -12.80 15.78
CA ASN B 43 5.40 -11.89 15.76
C ASN B 43 5.57 -10.92 14.59
N ALA B 44 6.57 -11.20 13.77
CA ALA B 44 6.86 -10.41 12.60
C ALA B 44 6.56 -11.30 11.38
N PHE B 45 6.28 -10.65 10.26
CA PHE B 45 5.90 -11.35 9.06
C PHE B 45 7.10 -11.93 8.30
N VAL B 46 6.97 -13.15 7.78
CA VAL B 46 8.04 -13.82 7.00
C VAL B 46 7.99 -13.51 5.49
N TYR B 47 9.06 -12.91 4.95
CA TYR B 47 9.03 -12.39 3.59
C TYR B 47 9.66 -13.35 2.58
N LYS B 48 8.98 -14.46 2.35
CA LYS B 48 9.35 -15.46 1.36
C LYS B 48 8.10 -15.94 0.62
N TYR B 49 8.29 -16.66 -0.48
CA TYR B 49 7.16 -17.22 -1.22
C TYR B 49 6.63 -18.44 -0.50
N PRO B 50 5.32 -18.42 -0.14
CA PRO B 50 4.60 -19.46 0.63
C PRO B 50 4.65 -20.82 -0.03
N GLN B 51 5.20 -21.82 0.67
CA GLN B 51 5.31 -23.16 0.10
C GLN B 51 4.19 -24.02 0.64
N ILE B 52 3.29 -23.37 1.39
CA ILE B 52 1.96 -23.90 1.65
C ILE B 52 0.94 -22.80 1.34
N GLN B 53 0.04 -23.05 0.38
CA GLN B 53 -0.97 -22.06 -0.05
C GLN B 53 -2.38 -22.62 -0.05
N PHE B 54 -3.36 -21.83 0.38
CA PHE B 54 -4.74 -22.28 0.43
C PHE B 54 -5.63 -21.60 -0.62
N LYS B 55 -6.27 -22.42 -1.44
CA LYS B 55 -7.00 -21.93 -2.60
C LYS B 55 -8.41 -22.53 -2.62
N ILE B 56 -9.39 -21.84 -3.22
CA ILE B 56 -10.68 -22.49 -3.42
C ILE B 56 -11.01 -22.59 -4.90
N ILE B 57 -11.14 -23.83 -5.36
CA ILE B 57 -11.14 -24.14 -6.78
C ILE B 57 -12.17 -25.18 -7.25
N ASP B 58 -13.07 -24.74 -8.12
CA ASP B 58 -13.94 -25.65 -8.87
C ASP B 58 -14.92 -26.56 -8.12
N ARG B 59 -15.74 -26.10 -7.18
CA ARG B 59 -15.58 -24.96 -6.31
C ARG B 59 -15.40 -25.58 -4.92
N SER B 60 -14.28 -26.28 -4.78
CA SER B 60 -13.97 -26.98 -3.55
C SER B 60 -12.50 -26.92 -3.15
N PRO B 61 -12.20 -26.90 -1.84
CA PRO B 61 -10.86 -26.62 -1.27
C PRO B 61 -9.69 -27.38 -1.84
N LEU B 62 -8.58 -26.66 -1.95
CA LEU B 62 -7.34 -27.22 -2.43
C LEU B 62 -6.21 -26.70 -1.53
N ILE B 63 -5.23 -27.56 -1.24
CA ILE B 63 -4.12 -27.19 -0.37
C ILE B 63 -2.84 -27.56 -1.08
N ILE B 64 -1.97 -26.58 -1.28
CA ILE B 64 -0.76 -26.84 -2.06
C ILE B 64 0.45 -26.87 -1.17
N GLY B 65 1.30 -27.89 -1.35
CA GLY B 65 2.57 -27.92 -0.65
C GLY B 65 3.69 -28.01 -1.68
N ILE B 66 4.74 -27.21 -1.50
CA ILE B 66 5.75 -27.14 -2.54
C ILE B 66 7.12 -27.39 -1.97
N GLY B 67 7.89 -28.20 -2.71
CA GLY B 67 9.24 -28.60 -2.32
C GLY B 67 9.26 -29.52 -1.13
N SER B 68 10.44 -30.09 -0.85
CA SER B 68 10.62 -30.99 0.27
C SER B 68 10.11 -30.36 1.54
N LEU B 69 10.35 -29.05 1.71
CA LEU B 69 9.92 -28.32 2.89
C LEU B 69 8.39 -28.31 3.05
N GLY B 70 7.68 -28.09 1.94
CA GLY B 70 6.23 -28.01 1.98
C GLY B 70 5.56 -29.37 2.10
N ILE B 71 5.97 -30.26 1.21
CA ILE B 71 5.48 -31.63 1.19
C ILE B 71 5.66 -32.36 2.50
N ASN B 72 6.87 -32.31 3.05
CA ASN B 72 7.16 -33.07 4.27
C ASN B 72 6.29 -32.66 5.47
N PHE B 73 5.99 -31.37 5.65
CA PHE B 73 5.05 -30.97 6.70
C PHE B 73 3.69 -31.57 6.42
N LEU B 74 3.30 -31.50 5.16
CA LEU B 74 1.99 -31.94 4.69
C LEU B 74 1.80 -33.41 5.07
N GLU B 75 2.85 -34.23 4.86
CA GLU B 75 2.85 -35.62 5.28
C GLU B 75 3.07 -35.79 6.79
N SER B 76 4.05 -35.06 7.33
CA SER B 76 4.47 -35.25 8.73
C SER B 76 3.27 -35.08 9.64
N LYS B 77 2.55 -33.99 9.49
CA LYS B 77 1.31 -33.93 10.20
C LYS B 77 0.37 -34.43 9.12
N ARG B 78 -0.43 -35.44 9.43
CA ARG B 78 -1.29 -36.12 8.48
C ARG B 78 -2.51 -35.29 8.20
N ILE B 79 -2.33 -34.29 7.34
CA ILE B 79 -3.40 -33.41 6.85
C ILE B 79 -4.38 -34.11 5.89
N PHE B 80 -3.91 -35.07 5.10
CA PHE B 80 -4.81 -35.65 4.11
C PHE B 80 -5.81 -36.61 4.80
N PHE B 81 -5.43 -37.17 5.95
CA PHE B 81 -6.45 -37.80 6.78
C PHE B 81 -6.87 -36.79 7.81
N GLU B 82 -7.69 -35.81 7.47
CA GLU B 82 -7.97 -34.78 8.44
C GLU B 82 -9.39 -34.82 8.92
N LYS B 83 -9.58 -34.62 10.21
CA LYS B 83 -10.93 -34.57 10.74
C LYS B 83 -11.53 -33.20 10.42
N GLU B 84 -12.87 -33.12 10.48
CA GLU B 84 -13.65 -31.92 10.15
C GLU B 84 -13.04 -30.54 9.91
N LEU B 85 -13.44 -29.86 8.84
CA LEU B 85 -12.86 -28.57 8.56
C LEU B 85 -13.96 -27.53 8.94
N ILE B 86 -13.64 -26.34 9.42
CA ILE B 86 -14.72 -25.42 9.82
C ILE B 86 -14.52 -24.00 9.28
N ILE B 87 -15.60 -23.43 8.76
CA ILE B 87 -15.55 -22.14 8.11
C ILE B 87 -16.70 -21.24 8.55
N SER B 88 -16.45 -20.40 9.56
CA SER B 88 -17.28 -19.22 9.81
C SER B 88 -18.81 -19.42 9.94
N ASN B 89 -19.30 -20.18 10.93
CA ASN B 89 -18.51 -20.93 11.91
C ASN B 89 -18.87 -22.39 11.62
N ASP B 90 -19.79 -22.53 10.66
CA ASP B 90 -20.31 -23.79 10.12
C ASP B 90 -19.27 -24.92 9.92
N THR B 91 -19.64 -26.15 10.30
CA THR B 91 -18.75 -27.31 10.23
C THR B 91 -19.02 -28.27 9.06
N ASN B 92 -18.04 -28.45 8.19
CA ASN B 92 -18.13 -29.43 7.11
C ASN B 92 -17.27 -30.63 7.42
N ASP B 93 -17.87 -31.81 7.52
CA ASP B 93 -17.06 -32.99 7.75
C ASP B 93 -16.31 -33.31 6.47
N ILE B 94 -15.07 -33.75 6.61
CA ILE B 94 -14.23 -34.07 5.47
C ILE B 94 -14.32 -35.56 5.19
N THR B 95 -15.09 -35.93 4.17
CA THR B 95 -15.46 -37.32 3.97
C THR B 95 -14.69 -38.01 2.85
N GLU B 96 -14.41 -37.29 1.76
CA GLU B 96 -13.56 -37.88 0.73
C GLU B 96 -12.43 -36.94 0.36
N VAL B 97 -11.27 -37.53 0.11
CA VAL B 97 -10.06 -36.78 -0.10
C VAL B 97 -9.30 -37.31 -1.29
N ASN B 98 -8.85 -36.40 -2.14
CA ASN B 98 -7.97 -36.74 -3.23
C ASN B 98 -6.62 -36.05 -3.05
N VAL B 99 -5.57 -36.85 -2.98
CA VAL B 99 -4.21 -36.34 -2.92
C VAL B 99 -3.51 -36.63 -4.24
N HIS B 100 -2.80 -35.65 -4.73
CA HIS B 100 -2.05 -35.78 -5.95
C HIS B 100 -0.63 -35.34 -5.59
N LYS B 101 0.41 -36.02 -6.10
CA LYS B 101 1.79 -35.58 -5.86
C LYS B 101 2.78 -36.13 -6.89
N ASP B 102 3.73 -35.29 -7.28
CA ASP B 102 4.58 -35.56 -8.43
C ASP B 102 5.65 -34.49 -8.45
N MET B 103 6.64 -34.63 -9.32
CA MET B 103 7.54 -33.52 -9.57
C MET B 103 7.64 -33.24 -11.07
N ASP B 104 7.20 -32.05 -11.50
CA ASP B 104 7.32 -31.73 -12.93
C ASP B 104 8.06 -30.38 -13.12
N HIS B 105 8.45 -30.08 -14.37
CA HIS B 105 9.48 -29.07 -14.70
C HIS B 105 9.13 -27.69 -14.19
N PHE B 106 10.16 -26.98 -13.71
CA PHE B 106 10.06 -25.58 -13.32
C PHE B 106 11.29 -24.84 -13.84
N GLY B 107 11.09 -23.81 -14.65
CA GLY B 107 12.25 -23.13 -15.23
C GLY B 107 12.01 -22.51 -16.57
N THR B 108 12.96 -21.72 -17.06
CA THR B 108 12.77 -21.05 -18.32
C THR B 108 12.81 -22.03 -19.49
N THR B 109 11.89 -21.82 -20.42
CA THR B 109 11.76 -22.62 -21.61
C THR B 109 11.89 -21.76 -22.86
N ASP B 110 12.41 -22.35 -23.94
CA ASP B 110 12.53 -21.62 -25.19
C ASP B 110 11.24 -21.74 -25.97
N LYS B 111 10.29 -22.45 -25.39
CA LYS B 111 9.01 -22.58 -26.06
C LYS B 111 7.98 -21.84 -25.22
N ILE B 112 6.94 -21.35 -25.88
CA ILE B 112 6.07 -20.41 -25.19
C ILE B 112 4.78 -21.09 -24.78
N LEU B 113 4.40 -20.85 -23.52
CA LEU B 113 3.31 -21.57 -22.86
C LEU B 113 2.20 -20.64 -22.42
N LYS B 114 0.97 -21.16 -22.46
CA LYS B 114 -0.20 -20.34 -22.14
C LYS B 114 -0.85 -20.76 -20.84
N TYR B 115 -1.06 -19.77 -19.98
CA TYR B 115 -1.60 -19.96 -18.64
C TYR B 115 -2.91 -19.21 -18.46
N GLN B 116 -3.70 -19.64 -17.49
CA GLN B 116 -4.95 -18.96 -17.13
C GLN B 116 -5.15 -18.85 -15.62
N PHE B 117 -5.70 -17.72 -15.19
CA PHE B 117 -5.99 -17.42 -13.79
C PHE B 117 -7.29 -18.00 -13.28
N LYS B 118 -7.21 -18.91 -12.33
CA LYS B 118 -8.39 -19.43 -11.62
C LYS B 118 -8.99 -18.39 -10.66
N THR B 119 -8.13 -17.56 -10.10
CA THR B 119 -8.53 -16.55 -9.12
C THR B 119 -7.94 -15.21 -9.51
N PRO B 120 -8.44 -14.10 -8.93
CA PRO B 120 -7.89 -12.81 -9.29
C PRO B 120 -6.38 -12.76 -9.00
N TRP B 121 -5.67 -11.88 -9.69
CA TRP B 121 -4.22 -11.82 -9.60
C TRP B 121 -3.70 -10.95 -8.46
N MET B 122 -4.18 -9.71 -8.39
CA MET B 122 -3.74 -8.78 -7.33
C MET B 122 -2.26 -8.55 -7.57
N ALA B 123 -1.96 -7.85 -8.65
CA ALA B 123 -0.59 -7.60 -9.06
C ALA B 123 -0.07 -6.29 -8.46
N LEU B 124 -0.98 -5.54 -7.88
CA LEU B 124 -0.70 -4.17 -7.51
C LEU B 124 -0.45 -3.98 -6.02
N ASN B 125 0.80 -3.68 -5.66
CA ASN B 125 1.11 -3.26 -4.30
C ASN B 125 0.62 -1.82 -4.06
N ALA B 126 1.02 -1.19 -2.98
CA ALA B 126 0.44 0.11 -2.62
C ALA B 126 0.85 1.23 -3.57
N LYS B 127 2.14 1.30 -3.88
CA LYS B 127 2.64 2.30 -4.81
C LYS B 127 2.25 1.98 -6.24
N ASN B 128 2.26 0.70 -6.55
CA ASN B 128 1.83 0.29 -7.87
C ASN B 128 0.32 0.42 -8.09
N SER B 129 -0.46 0.33 -7.02
CA SER B 129 -1.86 0.66 -7.12
C SER B 129 -2.03 2.04 -7.72
N GLU B 130 -1.23 2.98 -7.24
CA GLU B 130 -1.48 4.37 -7.59
C GLU B 130 -1.05 4.72 -9.02
N ILE B 131 0.14 4.28 -9.43
CA ILE B 131 0.65 4.49 -10.78
C ILE B 131 -0.38 4.04 -11.83
N TYR B 132 -0.89 2.84 -11.63
CA TYR B 132 -1.86 2.24 -12.52
C TYR B 132 -3.19 3.03 -12.61
N LYS B 133 -3.57 3.74 -11.56
CA LYS B 133 -4.86 4.44 -11.59
C LYS B 133 -4.79 5.85 -12.18
N ASN B 134 -3.58 6.31 -12.51
CA ASN B 134 -3.36 7.58 -13.21
C ASN B 134 -2.87 7.43 -14.65
N SER B 135 -2.90 6.19 -15.14
CA SER B 135 -2.41 5.84 -16.47
C SER B 135 -3.50 5.57 -17.53
N ASP B 136 -3.20 5.81 -18.81
CA ASP B 136 -4.09 5.35 -19.90
C ASP B 136 -3.85 3.87 -20.20
N GLU B 137 -4.69 3.22 -21.02
CA GLU B 137 -4.62 1.75 -21.03
C GLU B 137 -3.64 1.07 -22.04
N ILE B 138 -3.05 1.80 -22.99
CA ILE B 138 -1.91 1.16 -23.64
C ILE B 138 -0.80 0.93 -22.60
N ASP B 139 -0.60 1.95 -21.77
CA ASP B 139 0.43 2.02 -20.70
C ASP B 139 0.15 1.13 -19.49
N ARG B 140 -1.11 1.04 -19.07
CA ARG B 140 -1.55 0.07 -18.09
C ARG B 140 -1.05 -1.29 -18.54
N GLU B 141 -1.21 -1.58 -19.83
CA GLU B 141 -0.87 -2.89 -20.34
C GLU B 141 0.60 -3.12 -20.18
N GLU B 142 1.38 -2.03 -20.18
CA GLU B 142 2.82 -2.17 -20.17
C GLU B 142 3.36 -2.25 -18.79
N PHE B 143 2.64 -1.63 -17.86
CA PHE B 143 2.94 -1.73 -16.45
C PHE B 143 2.74 -3.15 -15.92
N LEU B 144 1.57 -3.73 -16.21
CA LEU B 144 1.24 -5.09 -15.77
C LEU B 144 2.21 -6.12 -16.31
N LYS B 145 2.67 -5.92 -17.55
CA LYS B 145 3.61 -6.85 -18.17
C LYS B 145 4.92 -6.81 -17.38
N ARG B 146 5.19 -5.65 -16.77
CA ARG B 146 6.37 -5.49 -15.93
C ARG B 146 6.20 -6.15 -14.54
N VAL B 147 5.01 -5.98 -13.95
CA VAL B 147 4.76 -6.55 -12.66
C VAL B 147 4.83 -8.06 -12.73
N LEU B 148 4.25 -8.64 -13.79
CA LEU B 148 4.20 -10.10 -13.91
C LEU B 148 5.59 -10.68 -14.02
N ILE B 149 6.48 -10.02 -14.77
CA ILE B 149 7.87 -10.48 -14.80
C ILE B 149 8.47 -10.47 -13.41
N GLY B 150 8.16 -9.43 -12.65
CA GLY B 150 8.64 -9.28 -11.29
C GLY B 150 8.17 -10.41 -10.42
N ASN B 151 6.87 -10.72 -10.54
CA ASN B 151 6.29 -11.81 -9.81
C ASN B 151 7.00 -13.11 -10.12
N ILE B 152 7.23 -13.41 -11.40
CA ILE B 152 8.02 -14.62 -11.71
C ILE B 152 9.43 -14.54 -11.11
N LEU B 153 10.02 -13.35 -11.12
CA LEU B 153 11.36 -13.17 -10.55
C LEU B 153 11.34 -13.37 -9.03
N SER B 154 10.37 -12.72 -8.37
CA SER B 154 10.22 -12.88 -6.94
C SER B 154 10.10 -14.37 -6.58
N MET B 155 9.05 -15.02 -7.08
CA MET B 155 8.81 -16.43 -6.79
C MET B 155 10.01 -17.36 -7.06
N SER B 156 10.68 -17.22 -8.19
CA SER B 156 11.70 -18.20 -8.59
C SER B 156 12.98 -18.09 -7.71
N LYS B 157 13.10 -16.95 -7.06
CA LYS B 157 14.22 -16.67 -6.20
C LYS B 157 14.09 -17.46 -4.90
N SER B 158 13.00 -17.24 -4.18
CA SER B 158 12.72 -17.92 -2.91
C SER B 158 12.66 -19.45 -3.03
N LEU B 159 12.59 -19.97 -4.25
CA LEU B 159 12.62 -21.41 -4.51
C LEU B 159 13.96 -21.84 -5.09
N GLY B 160 14.93 -20.94 -4.97
CA GLY B 160 16.28 -21.21 -5.38
C GLY B 160 16.48 -21.54 -6.85
N TYR B 161 15.84 -20.78 -7.73
CA TYR B 161 16.14 -20.89 -9.15
C TYR B 161 16.49 -19.51 -9.64
N THR B 162 17.69 -19.36 -10.14
CA THR B 162 18.07 -18.08 -10.67
C THR B 162 17.97 -18.20 -12.19
N ILE B 163 17.38 -17.19 -12.80
CA ILE B 163 17.08 -17.19 -14.21
C ILE B 163 18.18 -16.55 -15.03
N GLU B 164 18.76 -17.29 -15.97
CA GLU B 164 19.78 -16.69 -16.85
C GLU B 164 19.38 -16.71 -18.33
N GLU B 165 18.10 -16.48 -18.59
CA GLU B 165 17.66 -16.15 -19.95
C GLU B 165 16.52 -15.11 -19.84
N LYS B 166 16.14 -14.56 -20.98
CA LYS B 166 15.21 -13.43 -21.02
C LYS B 166 13.72 -13.80 -21.01
N LEU B 167 13.00 -13.32 -20.00
CA LEU B 167 11.53 -13.51 -19.98
C LEU B 167 10.79 -12.47 -20.84
N LYS B 168 9.81 -12.95 -21.59
CA LYS B 168 8.92 -12.08 -22.34
C LYS B 168 7.48 -12.52 -22.14
N VAL B 169 6.56 -11.57 -22.08
CA VAL B 169 5.21 -11.92 -21.69
C VAL B 169 4.13 -11.18 -22.50
N LYS B 170 3.06 -11.88 -22.83
CA LYS B 170 1.90 -11.29 -23.47
C LYS B 170 0.69 -11.49 -22.58
N ILE B 171 -0.10 -10.43 -22.44
CA ILE B 171 -1.25 -10.51 -21.55
C ILE B 171 -2.52 -10.03 -22.22
N ASN B 172 -3.58 -10.80 -21.98
CA ASN B 172 -4.92 -10.40 -22.27
C ASN B 172 -5.66 -10.49 -20.96
N LEU B 173 -5.77 -9.38 -20.24
CA LEU B 173 -6.36 -9.40 -18.91
C LEU B 173 -7.37 -8.31 -18.75
N LYS B 174 -8.44 -8.59 -18.00
CA LYS B 174 -9.40 -7.55 -17.69
C LYS B 174 -9.66 -7.42 -16.18
N GLU B 175 -9.71 -6.19 -15.72
CA GLU B 175 -9.77 -5.81 -14.31
C GLU B 175 -11.03 -6.23 -13.55
N VAL B 176 -10.84 -6.74 -12.34
CA VAL B 176 -11.90 -7.27 -11.49
C VAL B 176 -11.74 -6.90 -9.98
N PRO B 177 -12.83 -6.48 -9.31
CA PRO B 177 -12.72 -6.03 -7.91
C PRO B 177 -12.46 -7.13 -6.91
N VAL B 178 -11.54 -6.87 -5.97
CA VAL B 178 -11.21 -7.79 -4.88
C VAL B 178 -11.24 -7.10 -3.53
N LYS B 179 -12.02 -7.63 -2.61
CA LYS B 179 -12.08 -7.07 -1.29
C LYS B 179 -11.12 -7.85 -0.40
N PHE B 180 -10.21 -7.13 0.27
CA PHE B 180 -9.14 -7.74 1.05
C PHE B 180 -8.72 -6.83 2.22
N LYS B 181 -8.71 -7.37 3.44
CA LYS B 181 -8.49 -6.57 4.63
C LYS B 181 -9.38 -5.32 4.61
N ASN B 182 -10.67 -5.56 4.40
CA ASN B 182 -11.73 -4.53 4.44
C ASN B 182 -11.43 -3.31 3.61
N GLN B 183 -10.80 -3.55 2.48
CA GLN B 183 -10.51 -2.52 1.53
C GLN B 183 -10.64 -3.11 0.14
N ASN B 184 -11.01 -2.27 -0.81
CA ASN B 184 -11.37 -2.71 -2.15
C ASN B 184 -10.22 -2.66 -3.16
N MET B 185 -9.12 -3.37 -2.89
CA MET B 185 -8.04 -3.44 -3.87
C MET B 185 -8.46 -3.96 -5.25
N VAL B 186 -7.57 -3.87 -6.24
CA VAL B 186 -7.93 -4.32 -7.59
C VAL B 186 -7.26 -5.65 -7.99
N GLY B 187 -7.99 -6.43 -8.78
CA GLY B 187 -7.49 -7.72 -9.23
C GLY B 187 -7.78 -7.93 -10.71
N PHE B 188 -7.24 -9.02 -11.27
CA PHE B 188 -7.36 -9.28 -12.69
C PHE B 188 -7.70 -10.72 -13.04
N ARG B 189 -8.58 -10.92 -14.01
CA ARG B 189 -8.78 -12.27 -14.52
C ARG B 189 -8.27 -12.25 -15.95
N GLY B 190 -8.00 -13.42 -16.52
CA GLY B 190 -7.52 -13.42 -17.89
C GLY B 190 -6.59 -14.55 -18.29
N GLU B 191 -5.76 -14.25 -19.28
CA GLU B 191 -4.87 -15.20 -19.93
C GLU B 191 -3.52 -14.56 -20.07
N PHE B 192 -2.43 -15.33 -20.06
CA PHE B 192 -1.14 -14.74 -20.41
C PHE B 192 -0.20 -15.80 -21.00
N TYR B 193 0.79 -15.37 -21.77
CA TYR B 193 1.72 -16.28 -22.45
C TYR B 193 3.13 -15.99 -21.96
N ILE B 194 3.97 -17.01 -21.81
CA ILE B 194 5.33 -16.73 -21.33
C ILE B 194 6.31 -17.86 -21.65
N ASN B 195 7.59 -17.52 -21.77
CA ASN B 195 8.65 -18.49 -21.98
C ASN B 195 9.14 -18.99 -20.66
N PHE B 196 8.23 -19.11 -19.70
CA PHE B 196 8.56 -19.74 -18.43
C PHE B 196 7.61 -20.87 -18.09
N ASP B 197 8.10 -21.83 -17.30
CA ASP B 197 7.31 -23.01 -17.00
C ASP B 197 6.82 -23.04 -15.57
N ILE B 198 5.50 -23.06 -15.39
CA ILE B 198 4.90 -23.10 -14.08
C ILE B 198 4.09 -24.38 -13.89
N PRO B 199 4.43 -25.17 -12.85
CA PRO B 199 3.60 -26.30 -12.42
C PRO B 199 2.21 -25.85 -11.93
N GLN B 200 1.19 -26.68 -12.13
CA GLN B 200 -0.19 -26.24 -11.90
C GLN B 200 -0.55 -25.79 -10.49
N TYR B 201 -1.47 -24.83 -10.44
CA TYR B 201 -2.09 -24.33 -9.22
C TYR B 201 -1.15 -23.52 -8.35
N LEU B 202 0.06 -23.28 -8.84
CA LEU B 202 0.95 -22.34 -8.15
C LEU B 202 0.36 -20.94 -8.23
N GLY B 203 0.59 -20.12 -7.21
CA GLY B 203 0.15 -18.74 -7.25
C GLY B 203 1.27 -17.78 -7.66
N ILE B 204 0.91 -16.62 -8.23
CA ILE B 204 1.85 -15.50 -8.33
C ILE B 204 1.18 -14.19 -7.94
N GLY B 205 2.01 -13.19 -7.61
CA GLY B 205 1.49 -11.91 -7.16
C GLY B 205 1.48 -11.74 -5.66
N ARG B 206 0.57 -10.90 -5.18
CA ARG B 206 0.42 -10.71 -3.75
C ARG B 206 -0.55 -11.71 -3.12
N ASN B 207 -0.37 -11.98 -1.84
CA ASN B 207 -1.33 -12.74 -1.04
C ASN B 207 -1.63 -14.14 -1.58
N VAL B 208 -0.60 -14.74 -2.15
CA VAL B 208 -0.68 -15.98 -2.87
C VAL B 208 -1.14 -17.11 -1.95
N SER B 209 -0.82 -16.97 -0.68
CA SER B 209 -1.20 -17.91 0.34
C SER B 209 -2.71 -18.09 0.49
N ARG B 210 -3.47 -17.02 0.30
CA ARG B 210 -4.92 -17.09 0.46
C ARG B 210 -5.59 -17.59 -0.80
N GLY B 211 -4.79 -17.87 -1.82
CA GLY B 211 -5.31 -18.44 -3.03
C GLY B 211 -5.36 -17.53 -4.23
N PHE B 212 -4.90 -16.29 -4.06
CA PHE B 212 -4.92 -15.34 -5.16
C PHE B 212 -3.85 -15.66 -6.19
N GLY B 213 -4.11 -15.31 -7.45
CA GLY B 213 -3.16 -15.46 -8.53
C GLY B 213 -2.85 -16.90 -8.92
N THR B 214 -3.83 -17.78 -8.79
CA THR B 214 -3.61 -19.20 -9.06
C THR B 214 -3.46 -19.47 -10.56
N VAL B 215 -2.41 -20.14 -11.00
CA VAL B 215 -2.29 -20.38 -12.45
C VAL B 215 -2.33 -21.85 -12.89
N VAL B 216 -2.86 -22.11 -14.08
CA VAL B 216 -2.86 -23.46 -14.67
C VAL B 216 -2.56 -23.40 -16.18
N LYS B 217 -1.83 -24.38 -16.73
CA LYS B 217 -1.46 -24.37 -18.16
C LYS B 217 -2.66 -24.71 -19.06
N VAL B 218 -2.62 -24.27 -20.34
CA VAL B 218 -3.63 -24.64 -21.32
C VAL B 218 -3.00 -25.03 -22.67
#